data_2FNC
#
_entry.id   2FNC
#
_cell.length_a   35.836
_cell.length_b   56.183
_cell.length_c   88.794
_cell.angle_alpha   90.00
_cell.angle_beta   94.67
_cell.angle_gamma   90.00
#
_symmetry.space_group_name_H-M   'P 1 21 1'
#
loop_
_entity.id
_entity.type
_entity.pdbx_description
1 polymer 'maltose ABC transporter, periplasmic maltose-binding protein'
2 branched alpha-D-glucopyranose-(1-4)-alpha-D-glucopyranose-(1-4)-alpha-D-glucopyranose
3 water water
#
_entity_poly.entity_id   1
_entity_poly.type   'polypeptide(L)'
_entity_poly.pdbx_seq_one_letter_code
;MKLTIWCSEKQVDILQKLGEEFKAKYGIPVEVQYVDFGSIKSKFLTAAPQGQGADIIVGAHDWVGELAVNGLIEPIPNFS
DLKNFYDTALKAFSYGGKLYGVPYAMEAVALIYNKDYVDSVPKTMDELIEKAKQIDEEYGGEVRGFIYDVANFYFSAPFI
LGYGGYVFKETPQGLDVTDIGLANEGAVKGAKLIKRMIDEGVLTPGDNYGTMDSMFKEGLAAMIINGLWAIKSYKDAGIN
YGVAPIPELEPGVPAKPFVGVQGFMINAKSPNKVIAMEFLTNFIARKETMYKIYLADPRLPARKDVLELVKDNPDVVAFT
QSASMGTPMPNVPEMAPVWSAMGDALSIIINGQASVEDALKEAVEKIKAQIEKGSHHHHHH
;
_entity_poly.pdbx_strand_id   A
#
# COMPACT_ATOMS: atom_id res chain seq x y z
N LYS A 2 3.56 -25.70 16.07
CA LYS A 2 2.84 -24.36 16.17
C LYS A 2 3.12 -23.46 14.96
N LEU A 3 2.04 -23.05 14.28
CA LEU A 3 2.18 -22.17 13.15
C LEU A 3 2.16 -20.69 13.60
N THR A 4 3.21 -19.94 13.26
CA THR A 4 3.35 -18.54 13.67
C THR A 4 3.14 -17.60 12.51
N ILE A 5 2.44 -16.49 12.76
CA ILE A 5 2.13 -15.53 11.70
C ILE A 5 2.48 -14.13 12.18
N TRP A 6 3.17 -13.36 11.34
CA TRP A 6 3.31 -11.93 11.59
C TRP A 6 2.40 -11.13 10.69
N CYS A 7 1.67 -10.18 11.28
CA CYS A 7 0.85 -9.28 10.49
C CYS A 7 0.65 -7.94 11.18
N SER A 8 0.12 -6.96 10.43
CA SER A 8 -0.21 -5.65 11.00
C SER A 8 -1.40 -5.76 11.92
N GLU A 9 -1.68 -4.67 12.64
CA GLU A 9 -2.82 -4.61 13.54
C GLU A 9 -4.15 -4.85 12.84
N LYS A 10 -4.24 -4.57 11.54
CA LYS A 10 -5.50 -4.66 10.87
C LYS A 10 -6.02 -6.10 10.73
N GLN A 11 -5.11 -7.07 10.63
CA GLN A 11 -5.45 -8.48 10.43
C GLN A 11 -5.35 -9.35 11.70
N VAL A 12 -4.82 -8.80 12.79
CA VAL A 12 -4.57 -9.66 13.96
C VAL A 12 -5.84 -10.37 14.44
N ASP A 13 -6.92 -9.64 14.66
CA ASP A 13 -8.10 -10.24 15.26
C ASP A 13 -8.70 -11.38 14.42
N ILE A 14 -8.87 -11.12 13.14
CA ILE A 14 -9.47 -12.13 12.29
C ILE A 14 -8.55 -13.31 12.08
N LEU A 15 -7.25 -13.08 11.94
CA LEU A 15 -6.33 -14.22 11.74
C LEU A 15 -6.21 -15.05 13.02
N GLN A 16 -6.28 -14.42 14.20
CA GLN A 16 -6.27 -15.22 15.45
C GLN A 16 -7.54 -16.07 15.53
N LYS A 17 -8.68 -15.49 15.15
CA LYS A 17 -9.95 -16.23 15.09
C LYS A 17 -9.93 -17.40 14.13
N LEU A 18 -9.48 -17.16 12.90
CA LEU A 18 -9.32 -18.21 11.92
C LEU A 18 -8.27 -19.24 12.37
N GLY A 19 -7.25 -18.77 13.08
CA GLY A 19 -6.26 -19.65 13.68
C GLY A 19 -6.92 -20.64 14.63
N GLU A 20 -7.90 -20.21 15.39
CA GLU A 20 -8.55 -21.14 16.33
C GLU A 20 -9.46 -22.13 15.57
N GLU A 21 -10.10 -21.67 14.48
CA GLU A 21 -10.80 -22.55 13.55
C GLU A 21 -9.86 -23.60 12.96
N PHE A 22 -8.67 -23.18 12.54
CA PHE A 22 -7.68 -24.08 11.97
C PHE A 22 -7.23 -25.13 13.00
N LYS A 23 -7.01 -24.69 14.23
CA LYS A 23 -6.63 -25.61 15.31
C LYS A 23 -7.76 -26.62 15.61
N ALA A 24 -8.99 -26.17 15.61
CA ALA A 24 -10.14 -27.08 15.78
C ALA A 24 -10.21 -28.14 14.69
N LYS A 25 -9.93 -27.78 13.44
CA LYS A 25 -10.09 -28.70 12.31
C LYS A 25 -8.85 -29.54 11.98
N TYR A 26 -7.66 -29.05 12.32
CA TYR A 26 -6.42 -29.76 11.98
C TYR A 26 -5.56 -30.13 13.19
N GLY A 27 -5.91 -29.63 14.38
CA GLY A 27 -5.13 -29.89 15.61
C GLY A 27 -3.81 -29.15 15.75
N ILE A 28 -3.63 -28.07 15.00
CA ILE A 28 -2.36 -27.36 14.97
C ILE A 28 -2.58 -25.96 15.51
N PRO A 29 -1.92 -25.61 16.62
CA PRO A 29 -2.12 -24.28 17.18
C PRO A 29 -1.52 -23.20 16.32
N VAL A 30 -2.21 -22.08 16.25
CA VAL A 30 -1.79 -20.92 15.44
C VAL A 30 -1.60 -19.74 16.36
N GLU A 31 -0.46 -19.07 16.23
CA GLU A 31 -0.15 -17.93 17.07
C GLU A 31 0.12 -16.75 16.18
N VAL A 32 -0.79 -15.80 16.20
CA VAL A 32 -0.65 -14.61 15.41
C VAL A 32 -0.04 -13.48 16.24
N GLN A 33 1.04 -12.90 15.72
CA GLN A 33 1.76 -11.85 16.43
C GLN A 33 1.72 -10.53 15.66
N TYR A 34 1.16 -9.50 16.28
CA TYR A 34 1.26 -8.15 15.76
C TYR A 34 2.71 -7.70 15.53
N VAL A 35 2.97 -7.22 14.32
CA VAL A 35 4.17 -6.47 13.99
C VAL A 35 3.76 -5.22 13.21
N ASP A 36 4.27 -4.08 13.62
CA ASP A 36 3.97 -2.83 12.94
C ASP A 36 4.29 -3.03 11.44
N PHE A 37 3.39 -2.60 10.57
CA PHE A 37 3.56 -2.93 9.12
C PHE A 37 4.92 -2.47 8.57
N GLY A 38 5.32 -1.27 8.94
CA GLY A 38 6.57 -0.71 8.51
C GLY A 38 7.83 -1.45 8.98
N SER A 39 7.67 -2.42 9.87
CA SER A 39 8.76 -3.29 10.39
C SER A 39 8.70 -4.75 9.97
N ILE A 40 7.68 -5.16 9.24
CA ILE A 40 7.56 -6.57 8.97
C ILE A 40 8.68 -7.06 8.07
N LYS A 41 8.93 -6.37 6.95
CA LYS A 41 9.93 -6.86 6.01
C LYS A 41 11.35 -6.79 6.63
N SER A 42 11.66 -5.70 7.31
CA SER A 42 12.99 -5.46 7.92
C SER A 42 13.25 -6.48 9.03
N LYS A 43 12.25 -6.67 9.89
CA LYS A 43 12.31 -7.73 10.91
C LYS A 43 12.50 -9.12 10.30
N PHE A 44 11.81 -9.41 9.18
CA PHE A 44 11.89 -10.73 8.54
C PHE A 44 13.27 -10.96 7.90
N LEU A 45 13.84 -9.89 7.34
CA LEU A 45 15.13 -9.98 6.70
C LEU A 45 16.21 -10.31 7.72
N THR A 46 16.10 -9.75 8.92
CA THR A 46 17.10 -10.07 9.95
C THR A 46 16.82 -11.40 10.65
N ALA A 47 15.55 -11.73 10.85
CA ALA A 47 15.15 -12.86 11.63
C ALA A 47 15.17 -14.17 10.85
N ALA A 48 14.66 -14.16 9.62
CA ALA A 48 14.42 -15.44 8.94
C ALA A 48 15.70 -16.27 8.69
N PRO A 49 16.80 -15.62 8.29
CA PRO A 49 18.05 -16.35 8.10
C PRO A 49 18.61 -16.99 9.36
N GLN A 50 18.22 -16.49 10.55
CA GLN A 50 18.61 -17.02 11.86
C GLN A 50 17.71 -18.12 12.40
N GLY A 51 16.68 -18.49 11.63
CA GLY A 51 15.69 -19.45 12.09
C GLY A 51 14.70 -18.89 13.10
N GLN A 52 14.58 -17.56 13.11
CA GLN A 52 13.73 -16.86 14.06
C GLN A 52 12.59 -16.06 13.37
N GLY A 53 12.41 -16.28 12.08
CA GLY A 53 11.31 -15.64 11.33
C GLY A 53 10.01 -16.38 11.55
N ALA A 54 8.88 -15.67 11.42
CA ALA A 54 7.58 -16.34 11.49
C ALA A 54 7.46 -17.33 10.32
N ASP A 55 6.57 -18.31 10.47
CA ASP A 55 6.28 -19.28 9.40
C ASP A 55 5.58 -18.64 8.23
N ILE A 56 4.68 -17.72 8.56
CA ILE A 56 3.92 -16.95 7.56
C ILE A 56 3.99 -15.46 7.89
N ILE A 57 4.18 -14.65 6.86
CA ILE A 57 4.06 -13.18 6.99
C ILE A 57 2.96 -12.69 6.07
N VAL A 58 2.32 -11.63 6.53
CA VAL A 58 1.24 -10.97 5.78
C VAL A 58 1.72 -9.58 5.38
N GLY A 59 1.67 -9.27 4.08
CA GLY A 59 2.01 -7.95 3.65
C GLY A 59 1.88 -7.71 2.17
N ALA A 60 2.59 -6.69 1.72
CA ALA A 60 2.44 -6.10 0.38
C ALA A 60 3.27 -6.82 -0.66
N HIS A 61 2.74 -6.84 -1.88
CA HIS A 61 3.35 -7.64 -2.93
C HIS A 61 4.68 -7.07 -3.43
N ASP A 62 4.96 -5.79 -3.17
CA ASP A 62 6.22 -5.18 -3.62
C ASP A 62 7.44 -5.86 -2.99
N TRP A 63 7.27 -6.50 -1.84
CA TRP A 63 8.34 -7.25 -1.20
C TRP A 63 8.78 -8.52 -1.91
N VAL A 64 7.98 -9.03 -2.85
CA VAL A 64 8.16 -10.40 -3.34
C VAL A 64 9.54 -10.64 -3.97
N GLY A 65 9.95 -9.76 -4.88
CA GLY A 65 11.19 -9.98 -5.63
C GLY A 65 12.37 -10.05 -4.69
N GLU A 66 12.44 -9.09 -3.78
CA GLU A 66 13.56 -8.99 -2.86
C GLU A 66 13.60 -10.24 -2.01
N LEU A 67 12.44 -10.65 -1.48
CA LEU A 67 12.41 -11.83 -0.61
C LEU A 67 12.71 -13.12 -1.37
N ALA A 68 12.22 -13.23 -2.60
CA ALA A 68 12.42 -14.42 -3.42
C ALA A 68 13.89 -14.61 -3.82
N VAL A 69 14.54 -13.53 -4.29
CA VAL A 69 15.93 -13.66 -4.81
C VAL A 69 16.91 -13.90 -3.66
N ASN A 70 16.46 -13.63 -2.44
CA ASN A 70 17.23 -13.94 -1.23
C ASN A 70 16.92 -15.32 -0.61
N GLY A 71 16.03 -16.08 -1.25
CA GLY A 71 15.67 -17.41 -0.79
C GLY A 71 14.89 -17.46 0.51
N LEU A 72 14.12 -16.42 0.80
CA LEU A 72 13.46 -16.27 2.08
C LEU A 72 11.97 -16.58 2.06
N ILE A 73 11.35 -16.59 0.87
CA ILE A 73 9.95 -17.03 0.82
C ILE A 73 9.78 -18.18 -0.18
N GLU A 74 8.80 -19.03 0.10
CA GLU A 74 8.58 -20.31 -0.61
C GLU A 74 7.61 -20.16 -1.78
N PRO A 75 7.96 -20.71 -2.96
CA PRO A 75 7.01 -20.77 -4.08
C PRO A 75 5.73 -21.54 -3.72
N ILE A 76 4.59 -21.09 -4.23
CA ILE A 76 3.32 -21.71 -3.92
C ILE A 76 2.95 -22.59 -5.11
N PRO A 77 2.89 -23.92 -4.92
CA PRO A 77 2.51 -24.77 -6.05
C PRO A 77 1.07 -24.56 -6.47
N ASN A 78 0.79 -24.80 -7.75
CA ASN A 78 -0.55 -24.71 -8.23
C ASN A 78 -1.52 -25.45 -7.31
N PHE A 79 -2.68 -24.87 -7.07
CA PHE A 79 -3.69 -25.49 -6.24
C PHE A 79 -5.06 -25.15 -6.78
N SER A 80 -6.05 -25.92 -6.32
CA SER A 80 -7.38 -25.94 -6.92
C SER A 80 -8.03 -24.55 -7.00
N ASP A 81 -7.99 -23.84 -5.89
CA ASP A 81 -8.65 -22.55 -5.78
C ASP A 81 -7.99 -21.38 -6.52
N LEU A 82 -6.82 -21.60 -7.09
CA LEU A 82 -6.06 -20.54 -7.74
C LEU A 82 -6.87 -19.90 -8.89
N LYS A 83 -7.67 -20.71 -9.58
CA LYS A 83 -8.50 -20.24 -10.67
C LYS A 83 -9.55 -19.18 -10.25
N ASN A 84 -9.80 -19.10 -8.94
CA ASN A 84 -10.80 -18.18 -8.37
C ASN A 84 -10.26 -16.78 -7.99
N PHE A 85 -8.96 -16.54 -8.16
CA PHE A 85 -8.33 -15.26 -7.84
C PHE A 85 -8.08 -14.43 -9.09
N TYR A 86 -8.24 -13.11 -8.96
CA TYR A 86 -7.97 -12.21 -10.07
C TYR A 86 -6.53 -12.32 -10.57
N ASP A 87 -6.36 -12.39 -11.89
CA ASP A 87 -5.01 -12.33 -12.48
C ASP A 87 -4.12 -11.19 -12.01
N THR A 88 -4.67 -9.99 -11.85
CA THR A 88 -3.87 -8.86 -11.38
C THR A 88 -3.31 -9.19 -9.98
N ALA A 89 -4.10 -9.86 -9.15
CA ALA A 89 -3.68 -10.20 -7.78
C ALA A 89 -2.61 -11.30 -7.78
N LEU A 90 -2.81 -12.33 -8.60
CA LEU A 90 -1.83 -13.41 -8.75
C LEU A 90 -0.55 -12.91 -9.39
N LYS A 91 -0.65 -12.04 -10.41
CA LYS A 91 0.52 -11.48 -11.05
C LYS A 91 1.36 -10.62 -10.09
N ALA A 92 0.68 -9.87 -9.23
CA ALA A 92 1.36 -9.06 -8.20
C ALA A 92 2.22 -9.93 -7.28
N PHE A 93 1.77 -11.14 -6.96
CA PHE A 93 2.52 -12.05 -6.05
C PHE A 93 3.41 -13.06 -6.79
N SER A 94 3.56 -12.83 -8.09
CA SER A 94 4.35 -13.70 -8.93
C SER A 94 5.65 -13.00 -9.35
N TYR A 95 6.75 -13.77 -9.35
CA TYR A 95 8.06 -13.23 -9.71
C TYR A 95 8.88 -14.31 -10.44
N GLY A 96 9.43 -13.92 -11.60
CA GLY A 96 10.20 -14.83 -12.46
C GLY A 96 9.47 -16.13 -12.79
N GLY A 97 8.16 -16.02 -13.05
CA GLY A 97 7.34 -17.19 -13.43
C GLY A 97 6.75 -18.08 -12.34
N LYS A 98 6.96 -17.73 -11.06
CA LYS A 98 6.48 -18.54 -9.94
C LYS A 98 5.59 -17.68 -9.04
N LEU A 99 4.56 -18.29 -8.46
CA LEU A 99 3.70 -17.63 -7.46
C LEU A 99 4.40 -17.69 -6.10
N TYR A 100 4.46 -16.55 -5.43
CA TYR A 100 5.15 -16.47 -4.14
C TYR A 100 4.26 -16.03 -2.97
N GLY A 101 2.96 -16.02 -3.16
CA GLY A 101 2.03 -15.84 -2.04
C GLY A 101 0.59 -16.09 -2.42
N VAL A 102 -0.29 -16.14 -1.43
CA VAL A 102 -1.73 -16.23 -1.68
C VAL A 102 -2.30 -14.83 -1.37
N PRO A 103 -2.80 -14.12 -2.37
CA PRO A 103 -3.33 -12.78 -2.11
C PRO A 103 -4.69 -12.86 -1.44
N TYR A 104 -5.01 -11.89 -0.57
CA TYR A 104 -6.36 -11.78 -0.04
C TYR A 104 -7.07 -10.50 -0.50
N ALA A 105 -6.33 -9.50 -0.90
CA ALA A 105 -6.96 -8.23 -1.25
C ALA A 105 -6.15 -7.33 -2.14
N MET A 106 -6.84 -6.46 -2.86
CA MET A 106 -6.22 -5.38 -3.61
C MET A 106 -6.62 -4.02 -3.01
N GLU A 107 -5.80 -3.01 -3.26
CA GLU A 107 -6.03 -1.71 -2.64
C GLU A 107 -5.35 -0.58 -3.39
N ALA A 108 -5.90 0.61 -3.18
CA ALA A 108 -5.30 1.86 -3.64
C ALA A 108 -5.80 2.95 -2.74
N VAL A 109 -5.01 4.02 -2.61
CA VAL A 109 -5.45 5.21 -1.89
C VAL A 109 -6.53 5.94 -2.69
N ALA A 110 -7.27 6.78 -1.98
CA ALA A 110 -8.31 7.65 -2.55
C ALA A 110 -8.44 8.86 -1.63
N LEU A 111 -9.18 9.87 -2.09
CA LEU A 111 -9.63 10.99 -1.26
C LEU A 111 -10.74 10.48 -0.37
N ILE A 112 -10.53 10.62 0.94
CA ILE A 112 -11.54 10.28 1.93
C ILE A 112 -11.90 11.58 2.59
N TYR A 113 -13.20 11.86 2.70
CA TYR A 113 -13.60 13.17 3.22
C TYR A 113 -14.68 13.11 4.30
N ASN A 114 -14.65 14.09 5.19
CA ASN A 114 -15.60 14.20 6.30
C ASN A 114 -16.78 15.09 5.84
N LYS A 115 -17.96 14.50 5.72
CA LYS A 115 -19.12 15.20 5.16
C LYS A 115 -19.63 16.34 6.05
N ASP A 116 -19.16 16.40 7.29
CA ASP A 116 -19.44 17.55 8.15
C ASP A 116 -18.80 18.83 7.63
N TYR A 117 -17.75 18.69 6.83
CA TYR A 117 -17.03 19.82 6.28
C TYR A 117 -17.04 19.94 4.77
N VAL A 118 -17.35 18.85 4.06
CA VAL A 118 -17.26 18.79 2.59
C VAL A 118 -18.57 18.27 2.01
N ASP A 119 -19.27 19.16 1.28
CA ASP A 119 -20.59 18.90 0.71
C ASP A 119 -20.57 18.30 -0.68
N SER A 120 -19.47 18.50 -1.41
CA SER A 120 -19.29 17.87 -2.70
C SER A 120 -17.81 17.59 -2.94
N VAL A 121 -17.53 16.57 -3.73
CA VAL A 121 -16.16 16.19 -4.04
C VAL A 121 -15.55 17.27 -4.95
N PRO A 122 -14.40 17.84 -4.57
CA PRO A 122 -13.77 18.78 -5.46
C PRO A 122 -13.50 18.16 -6.84
N LYS A 123 -13.64 18.95 -7.89
CA LYS A 123 -13.58 18.45 -9.26
C LYS A 123 -12.15 18.31 -9.74
N THR A 124 -11.26 19.13 -9.18
CA THR A 124 -9.85 19.15 -9.56
C THR A 124 -9.01 19.39 -8.32
N MET A 125 -7.69 19.17 -8.43
CA MET A 125 -6.77 19.46 -7.31
C MET A 125 -6.74 20.95 -7.00
N ASP A 126 -6.96 21.80 -7.99
CA ASP A 126 -7.09 23.24 -7.69
C ASP A 126 -8.26 23.56 -6.78
N GLU A 127 -9.43 23.01 -7.07
CA GLU A 127 -10.62 23.15 -6.24
C GLU A 127 -10.42 22.59 -4.84
N LEU A 128 -9.71 21.46 -4.74
CA LEU A 128 -9.41 20.85 -3.43
C LEU A 128 -8.57 21.81 -2.60
N ILE A 129 -7.55 22.40 -3.19
CA ILE A 129 -6.66 23.31 -2.50
C ILE A 129 -7.42 24.56 -2.00
N GLU A 130 -8.34 25.04 -2.83
CA GLU A 130 -9.13 26.23 -2.49
C GLU A 130 -10.07 25.91 -1.34
N LYS A 131 -10.72 24.75 -1.42
CA LYS A 131 -11.64 24.26 -0.40
C LYS A 131 -10.91 24.05 0.92
N ALA A 132 -9.73 23.42 0.87
CA ALA A 132 -8.90 23.24 2.05
C ALA A 132 -8.55 24.58 2.73
N LYS A 133 -8.21 25.58 1.91
CA LYS A 133 -7.91 26.92 2.42
C LYS A 133 -9.13 27.52 3.11
N GLN A 134 -10.29 27.37 2.48
CA GLN A 134 -11.56 27.84 3.03
C GLN A 134 -11.86 27.20 4.37
N ILE A 135 -11.63 25.89 4.49
CA ILE A 135 -11.85 25.19 5.76
C ILE A 135 -10.86 25.63 6.80
N ASP A 136 -9.59 25.80 6.42
CA ASP A 136 -8.54 26.21 7.36
C ASP A 136 -8.90 27.57 7.97
N GLU A 137 -9.46 28.47 7.15
CA GLU A 137 -9.83 29.80 7.63
C GLU A 137 -11.08 29.76 8.50
N GLU A 138 -12.08 29.03 8.03
CA GLU A 138 -13.44 29.08 8.59
C GLU A 138 -13.54 28.55 10.01
N TYR A 139 -12.86 27.42 10.28
CA TYR A 139 -12.92 26.76 11.58
C TYR A 139 -11.71 27.12 12.46
N GLY A 140 -10.96 28.11 12.02
CA GLY A 140 -10.01 28.80 12.88
C GLY A 140 -8.70 28.06 13.12
N GLY A 141 -8.46 27.00 12.37
CA GLY A 141 -7.26 26.22 12.56
C GLY A 141 -7.51 24.86 13.19
N GLU A 142 -8.60 24.74 13.95
CA GLU A 142 -8.87 23.47 14.65
C GLU A 142 -9.16 22.31 13.72
N VAL A 143 -9.74 22.61 12.56
CA VAL A 143 -10.01 21.61 11.54
C VAL A 143 -9.02 21.78 10.38
N ARG A 144 -8.28 20.71 10.05
CA ARG A 144 -7.42 20.72 8.86
C ARG A 144 -8.21 20.50 7.59
N GLY A 145 -8.05 21.41 6.64
CA GLY A 145 -8.68 21.30 5.35
C GLY A 145 -8.20 20.05 4.59
N PHE A 146 -6.88 19.84 4.60
CA PHE A 146 -6.30 18.72 3.84
C PHE A 146 -5.06 18.29 4.57
N ILE A 147 -4.89 16.98 4.76
CA ILE A 147 -3.69 16.48 5.38
C ILE A 147 -3.43 15.06 4.93
N TYR A 148 -2.18 14.76 4.62
CA TYR A 148 -1.77 13.40 4.33
C TYR A 148 -0.28 13.21 4.63
N ASP A 149 0.19 11.96 4.50
CA ASP A 149 1.57 11.58 4.82
C ASP A 149 2.46 12.00 3.63
N VAL A 150 2.68 13.30 3.52
CA VAL A 150 3.28 13.96 2.34
C VAL A 150 4.69 13.49 1.96
N ALA A 151 5.52 13.21 2.95
CA ALA A 151 6.92 12.85 2.70
C ALA A 151 7.12 11.35 2.41
N ASN A 152 6.04 10.58 2.46
CA ASN A 152 6.05 9.17 2.13
C ASN A 152 5.78 9.00 0.62
N PHE A 153 6.70 8.38 -0.11
CA PHE A 153 6.53 8.28 -1.58
C PHE A 153 5.26 7.50 -1.94
N TYR A 154 4.90 6.52 -1.12
CA TYR A 154 3.73 5.76 -1.40
C TYR A 154 2.48 6.66 -1.57
N PHE A 155 2.32 7.61 -0.65
CA PHE A 155 1.15 8.45 -0.58
C PHE A 155 1.19 9.63 -1.57
N SER A 156 2.41 10.06 -1.92
CA SER A 156 2.63 11.19 -2.88
C SER A 156 2.79 10.72 -4.34
N ALA A 157 2.92 9.41 -4.52
CA ALA A 157 3.00 8.83 -5.86
C ALA A 157 1.84 9.23 -6.80
N PRO A 158 0.61 9.35 -6.28
CA PRO A 158 -0.49 9.66 -7.18
C PRO A 158 -0.26 10.90 -8.04
N PHE A 159 0.44 11.87 -7.47
CA PHE A 159 0.79 13.14 -8.13
C PHE A 159 2.00 12.97 -9.02
N ILE A 160 3.07 12.41 -8.46
CA ILE A 160 4.33 12.14 -9.20
C ILE A 160 4.08 11.25 -10.43
N LEU A 161 3.24 10.22 -10.28
CA LEU A 161 2.94 9.29 -11.37
C LEU A 161 1.84 9.79 -12.30
N GLY A 162 0.86 10.51 -11.78
CA GLY A 162 -0.24 11.02 -12.58
C GLY A 162 0.24 11.90 -13.71
N TYR A 163 1.27 12.70 -13.45
CA TYR A 163 1.80 13.62 -14.46
C TYR A 163 2.79 12.97 -15.43
N GLY A 164 3.10 11.69 -15.25
CA GLY A 164 3.99 10.98 -16.17
C GLY A 164 5.25 10.37 -15.59
N GLY A 165 5.52 10.58 -14.31
CA GLY A 165 6.63 9.90 -13.69
C GLY A 165 6.41 8.41 -13.72
N TYR A 166 7.48 7.63 -13.65
CA TYR A 166 7.37 6.19 -13.46
C TYR A 166 8.56 5.68 -12.68
N VAL A 167 8.43 4.52 -12.05
CA VAL A 167 9.54 3.95 -11.31
C VAL A 167 10.50 3.31 -12.31
N PHE A 168 10.12 2.17 -12.90
CA PHE A 168 10.95 1.50 -13.93
C PHE A 168 10.18 1.39 -15.24
N LYS A 169 10.87 1.59 -16.37
CA LYS A 169 10.19 1.51 -17.68
C LYS A 169 9.71 0.09 -18.00
N GLU A 170 8.46 -0.04 -18.43
CA GLU A 170 7.94 -1.35 -18.82
C GLU A 170 8.46 -1.68 -20.22
N THR A 171 9.03 -2.87 -20.40
CA THR A 171 9.48 -3.31 -21.73
C THR A 171 8.99 -4.71 -22.02
N PRO A 172 9.14 -5.18 -23.28
CA PRO A 172 8.80 -6.57 -23.58
C PRO A 172 9.70 -7.59 -22.88
N GLN A 173 10.81 -7.15 -22.28
CA GLN A 173 11.66 -8.06 -21.51
C GLN A 173 11.46 -7.85 -20.00
N GLY A 174 10.50 -7.02 -19.62
CA GLY A 174 10.17 -6.81 -18.20
C GLY A 174 10.59 -5.41 -17.83
N LEU A 175 10.53 -5.10 -16.52
CA LEU A 175 10.86 -3.74 -16.10
C LEU A 175 12.34 -3.52 -16.29
N ASP A 176 12.70 -2.34 -16.80
CA ASP A 176 14.09 -2.00 -17.04
C ASP A 176 14.54 -1.15 -15.85
N VAL A 177 15.29 -1.77 -14.96
CA VAL A 177 15.68 -1.12 -13.71
C VAL A 177 16.81 -0.10 -13.88
N THR A 178 17.39 -0.03 -15.08
CA THR A 178 18.29 1.07 -15.45
C THR A 178 17.53 2.31 -16.03
N ASP A 179 16.27 2.14 -16.43
CA ASP A 179 15.47 3.26 -16.91
C ASP A 179 14.48 3.71 -15.84
N ILE A 180 14.88 4.71 -15.06
CA ILE A 180 14.08 5.21 -13.93
C ILE A 180 13.49 6.57 -14.22
N GLY A 181 12.18 6.70 -14.02
CA GLY A 181 11.40 7.86 -14.49
C GLY A 181 10.92 8.82 -13.43
N LEU A 182 11.60 8.80 -12.28
CA LEU A 182 11.19 9.51 -11.08
C LEU A 182 11.78 10.93 -10.99
N ALA A 183 12.58 11.30 -11.97
CA ALA A 183 13.07 12.68 -12.09
C ALA A 183 12.80 13.27 -13.47
N ASN A 184 11.89 12.65 -14.23
CA ASN A 184 11.51 13.13 -15.57
C ASN A 184 10.52 14.32 -15.49
N GLU A 185 10.14 14.87 -16.64
CA GLU A 185 9.27 16.07 -16.68
C GLU A 185 8.02 15.90 -15.82
N GLY A 186 7.33 14.77 -16.00
CA GLY A 186 6.12 14.45 -15.25
C GLY A 186 6.31 14.39 -13.75
N ALA A 187 7.40 13.73 -13.32
CA ALA A 187 7.76 13.58 -11.91
C ALA A 187 7.98 14.92 -11.25
N VAL A 188 8.83 15.74 -11.87
CA VAL A 188 9.09 17.10 -11.40
C VAL A 188 7.81 17.90 -11.22
N LYS A 189 6.92 17.80 -12.21
CA LYS A 189 5.66 18.51 -12.25
C LYS A 189 4.71 18.13 -11.10
N GLY A 190 4.73 16.84 -10.72
CA GLY A 190 3.94 16.35 -9.58
C GLY A 190 4.52 16.83 -8.27
N ALA A 191 5.82 16.71 -8.14
CA ALA A 191 6.52 17.11 -6.92
C ALA A 191 6.42 18.61 -6.69
N LYS A 192 6.34 19.38 -7.79
CA LYS A 192 6.14 20.82 -7.68
C LYS A 192 4.75 21.13 -7.14
N LEU A 193 3.74 20.39 -7.59
CA LEU A 193 2.37 20.54 -7.06
C LEU A 193 2.35 20.28 -5.55
N ILE A 194 3.13 19.29 -5.09
CA ILE A 194 3.27 18.99 -3.66
C ILE A 194 3.98 20.12 -2.91
N LYS A 195 5.06 20.66 -3.49
CA LYS A 195 5.76 21.78 -2.87
C LYS A 195 4.85 23.03 -2.85
N ARG A 196 4.00 23.15 -3.87
CA ARG A 196 3.04 24.24 -3.98
C ARG A 196 2.02 24.19 -2.84
N MET A 197 1.46 23.01 -2.60
CA MET A 197 0.53 22.82 -1.49
C MET A 197 1.16 23.19 -0.12
N ILE A 198 2.47 22.96 0.00
CA ILE A 198 3.24 23.34 1.18
C ILE A 198 3.40 24.87 1.23
N ASP A 199 3.78 25.44 0.09
CA ASP A 199 4.02 26.88 -0.03
C ASP A 199 2.76 27.68 0.31
N GLU A 200 1.61 27.24 -0.20
CA GLU A 200 0.33 27.90 0.07
C GLU A 200 -0.25 27.56 1.45
N GLY A 201 0.46 26.74 2.21
CA GLY A 201 0.15 26.46 3.61
C GLY A 201 -1.00 25.48 3.83
N VAL A 202 -1.42 24.79 2.78
CA VAL A 202 -2.47 23.77 2.90
C VAL A 202 -1.91 22.45 3.43
N LEU A 203 -0.63 22.18 3.19
CA LEU A 203 0.07 21.09 3.86
C LEU A 203 1.23 21.67 4.66
N THR A 204 1.70 20.93 5.65
CA THR A 204 2.88 21.34 6.37
C THR A 204 3.94 20.25 6.32
N PRO A 205 5.23 20.66 6.43
CA PRO A 205 6.33 19.71 6.42
C PRO A 205 6.28 18.64 7.50
N GLY A 206 5.58 18.90 8.61
CA GLY A 206 5.44 17.93 9.71
C GLY A 206 4.27 16.95 9.57
N ASP A 207 3.49 17.09 8.51
CA ASP A 207 2.39 16.14 8.23
C ASP A 207 2.91 14.69 8.11
N ASN A 208 2.21 13.76 8.77
CA ASN A 208 2.56 12.34 8.74
C ASN A 208 1.33 11.46 8.90
N TYR A 209 1.53 10.15 8.74
CA TYR A 209 0.42 9.24 8.71
C TYR A 209 -0.37 9.23 10.02
N GLY A 210 0.34 9.11 11.13
CA GLY A 210 -0.31 9.00 12.43
C GLY A 210 -1.18 10.20 12.77
N THR A 211 -0.68 11.40 12.45
CA THR A 211 -1.43 12.63 12.69
C THR A 211 -2.67 12.72 11.79
N MET A 212 -2.49 12.45 10.50
CA MET A 212 -3.60 12.40 9.58
C MET A 212 -4.70 11.47 10.07
N ASP A 213 -4.27 10.26 10.48
CA ASP A 213 -5.18 9.16 10.77
C ASP A 213 -5.98 9.48 12.03
N SER A 214 -5.28 10.00 13.04
CA SER A 214 -5.94 10.30 14.31
C SER A 214 -6.77 11.57 14.19
N MET A 215 -6.31 12.54 13.42
CA MET A 215 -7.05 13.77 13.24
C MET A 215 -8.35 13.49 12.51
N PHE A 216 -8.33 12.63 11.50
CA PHE A 216 -9.55 12.24 10.82
C PHE A 216 -10.56 11.49 11.71
N LYS A 217 -10.06 10.56 12.52
CA LYS A 217 -10.90 9.82 13.47
C LYS A 217 -11.55 10.70 14.52
N GLU A 218 -10.89 11.79 14.90
CA GLU A 218 -11.43 12.75 15.90
C GLU A 218 -12.38 13.79 15.30
N GLY A 219 -12.63 13.70 14.01
CA GLY A 219 -13.55 14.61 13.32
C GLY A 219 -12.98 15.99 13.03
N LEU A 220 -11.65 16.11 12.99
CA LEU A 220 -10.94 17.39 12.79
C LEU A 220 -10.03 17.43 11.52
N ALA A 221 -10.31 16.55 10.56
CA ALA A 221 -9.72 16.66 9.21
C ALA A 221 -10.78 16.51 8.14
N ALA A 222 -10.90 17.50 7.27
CA ALA A 222 -11.94 17.46 6.27
C ALA A 222 -11.61 16.51 5.11
N MET A 223 -10.36 16.50 4.68
CA MET A 223 -9.92 15.65 3.55
C MET A 223 -8.56 15.05 3.80
N ILE A 224 -8.39 13.78 3.43
CA ILE A 224 -7.13 13.08 3.55
C ILE A 224 -6.92 12.19 2.34
N ILE A 225 -5.73 11.63 2.23
CA ILE A 225 -5.42 10.58 1.24
C ILE A 225 -5.05 9.33 2.02
N ASN A 226 -5.90 8.32 1.92
CA ASN A 226 -5.65 7.03 2.58
C ASN A 226 -6.38 5.87 1.86
N GLY A 227 -6.09 4.66 2.28
CA GLY A 227 -6.62 3.44 1.70
C GLY A 227 -7.69 2.75 2.49
N LEU A 228 -8.20 1.66 1.91
CA LEU A 228 -9.31 0.89 2.46
C LEU A 228 -9.04 0.30 3.84
N TRP A 229 -7.75 0.11 4.18
CA TRP A 229 -7.34 -0.42 5.47
C TRP A 229 -7.75 0.43 6.66
N ALA A 230 -8.11 1.69 6.42
CA ALA A 230 -8.43 2.63 7.50
C ALA A 230 -9.93 2.88 7.65
N ILE A 231 -10.74 2.46 6.67
CA ILE A 231 -12.16 2.83 6.67
C ILE A 231 -12.95 2.22 7.84
N LYS A 232 -12.62 1.00 8.24
CA LYS A 232 -13.33 0.37 9.38
C LYS A 232 -13.15 1.23 10.64
N SER A 233 -11.93 1.70 10.85
CA SER A 233 -11.62 2.53 12.00
C SER A 233 -12.38 3.85 11.97
N TYR A 234 -12.61 4.40 10.77
CA TYR A 234 -13.33 5.65 10.65
C TYR A 234 -14.79 5.44 10.88
N LYS A 235 -15.32 4.33 10.34
CA LYS A 235 -16.72 3.95 10.56
C LYS A 235 -16.97 3.67 12.03
N ASP A 236 -16.08 2.91 12.66
CA ASP A 236 -16.24 2.56 14.09
C ASP A 236 -16.18 3.82 14.95
N ALA A 237 -15.34 4.79 14.56
CA ALA A 237 -15.26 6.12 15.18
C ALA A 237 -16.44 7.05 14.90
N GLY A 238 -17.37 6.65 14.04
CA GLY A 238 -18.60 7.41 13.81
C GLY A 238 -18.45 8.60 12.87
N ILE A 239 -17.45 8.55 11.99
CA ILE A 239 -17.26 9.61 10.99
C ILE A 239 -18.15 9.35 9.80
N ASN A 240 -18.91 10.37 9.42
CA ASN A 240 -19.70 10.34 8.21
C ASN A 240 -18.82 10.68 7.02
N TYR A 241 -18.08 9.68 6.57
CA TYR A 241 -17.07 9.87 5.52
C TYR A 241 -17.61 9.54 4.13
N GLY A 242 -16.98 10.15 3.13
CA GLY A 242 -17.18 9.76 1.74
C GLY A 242 -15.85 9.42 1.11
N VAL A 243 -15.89 8.73 -0.03
CA VAL A 243 -14.67 8.32 -0.71
C VAL A 243 -14.85 8.65 -2.19
N ALA A 244 -13.81 9.23 -2.78
CA ALA A 244 -13.77 9.45 -4.22
C ALA A 244 -12.34 9.28 -4.70
N PRO A 245 -12.15 9.01 -6.02
CA PRO A 245 -10.80 9.19 -6.59
C PRO A 245 -10.20 10.56 -6.26
N ILE A 246 -8.86 10.62 -6.15
CA ILE A 246 -8.14 11.88 -5.97
C ILE A 246 -8.55 12.75 -7.17
N PRO A 247 -8.92 14.02 -6.91
CA PRO A 247 -9.43 14.83 -8.00
C PRO A 247 -8.38 15.01 -9.09
N GLU A 248 -8.83 15.08 -10.34
CA GLU A 248 -7.91 15.19 -11.44
C GLU A 248 -6.88 16.28 -11.18
N LEU A 249 -5.65 16.04 -11.58
CA LEU A 249 -4.57 17.00 -11.39
C LEU A 249 -4.77 18.21 -12.31
N GLU A 250 -5.34 17.95 -13.50
CA GLU A 250 -5.81 18.96 -14.44
C GLU A 250 -7.10 18.47 -15.11
N PRO A 251 -7.88 19.37 -15.75
CA PRO A 251 -9.08 18.83 -16.39
C PRO A 251 -8.71 17.74 -17.40
N GLY A 252 -9.38 16.60 -17.35
CA GLY A 252 -9.08 15.46 -18.21
C GLY A 252 -7.80 14.68 -17.91
N VAL A 253 -7.15 14.97 -16.78
CA VAL A 253 -5.86 14.36 -16.44
C VAL A 253 -5.88 13.80 -15.01
N PRO A 254 -6.07 12.48 -14.86
CA PRO A 254 -6.30 11.92 -13.53
C PRO A 254 -5.03 11.67 -12.71
N ALA A 255 -5.21 11.55 -11.39
CA ALA A 255 -4.17 11.08 -10.50
C ALA A 255 -3.93 9.61 -10.80
N LYS A 256 -2.76 9.12 -10.43
CA LYS A 256 -2.37 7.76 -10.73
C LYS A 256 -1.79 7.10 -9.49
N PRO A 257 -2.66 6.64 -8.56
CA PRO A 257 -2.10 5.94 -7.40
C PRO A 257 -1.44 4.59 -7.70
N PHE A 258 -0.55 4.17 -6.81
CA PHE A 258 -0.11 2.78 -6.79
C PHE A 258 -1.30 1.88 -6.47
N VAL A 259 -1.28 0.70 -7.07
CA VAL A 259 -2.12 -0.39 -6.65
C VAL A 259 -1.27 -1.39 -5.87
N GLY A 260 -1.80 -1.76 -4.72
CA GLY A 260 -1.22 -2.77 -3.87
C GLY A 260 -2.02 -4.02 -3.76
N VAL A 261 -1.31 -5.14 -3.59
CA VAL A 261 -1.95 -6.39 -3.28
C VAL A 261 -1.38 -6.91 -1.96
N GLN A 262 -2.28 -7.26 -1.04
CA GLN A 262 -1.92 -7.79 0.27
C GLN A 262 -2.08 -9.30 0.23
N GLY A 263 -1.15 -10.00 0.87
CA GLY A 263 -1.07 -11.43 0.72
C GLY A 263 -0.27 -12.12 1.80
N PHE A 264 -0.36 -13.45 1.77
CA PHE A 264 0.28 -14.36 2.70
C PHE A 264 1.49 -15.00 2.02
N MET A 265 2.62 -14.96 2.71
CA MET A 265 3.86 -15.52 2.21
C MET A 265 4.45 -16.48 3.23
N ILE A 266 5.07 -17.54 2.72
CA ILE A 266 5.61 -18.59 3.57
C ILE A 266 7.13 -18.49 3.66
N ASN A 267 7.63 -18.57 4.87
CA ASN A 267 9.06 -18.50 5.16
C ASN A 267 9.75 -19.77 4.62
N ALA A 268 10.62 -19.63 3.62
CA ALA A 268 11.32 -20.79 3.01
C ALA A 268 12.24 -21.52 4.00
N LYS A 269 12.62 -20.85 5.07
CA LYS A 269 13.49 -21.42 6.10
C LYS A 269 12.71 -22.08 7.23
N SER A 270 11.38 -22.06 7.18
CA SER A 270 10.56 -22.59 8.27
C SER A 270 10.59 -24.12 8.28
N PRO A 271 10.62 -24.72 9.49
CA PRO A 271 10.44 -26.14 9.58
C PRO A 271 8.95 -26.56 9.46
N ASN A 272 8.03 -25.59 9.39
CA ASN A 272 6.60 -25.83 9.31
C ASN A 272 6.01 -25.49 7.98
N LYS A 273 6.81 -25.56 6.93
CA LYS A 273 6.32 -25.17 5.61
C LYS A 273 5.15 -26.01 5.11
N VAL A 274 5.11 -27.31 5.45
CA VAL A 274 4.04 -28.17 4.91
C VAL A 274 2.70 -27.87 5.55
N ILE A 275 2.68 -27.63 6.85
CA ILE A 275 1.44 -27.23 7.48
C ILE A 275 1.07 -25.79 7.09
N ALA A 276 2.08 -24.94 6.85
CA ALA A 276 1.80 -23.56 6.41
C ALA A 276 1.18 -23.57 5.03
N MET A 277 1.61 -24.51 4.19
CA MET A 277 1.05 -24.69 2.84
C MET A 277 -0.41 -25.14 2.86
N GLU A 278 -0.75 -26.02 3.79
CA GLU A 278 -2.13 -26.46 3.97
C GLU A 278 -2.96 -25.25 4.47
N PHE A 279 -2.43 -24.54 5.46
CA PHE A 279 -3.09 -23.35 5.96
C PHE A 279 -3.44 -22.38 4.82
N LEU A 280 -2.48 -22.06 3.97
CA LEU A 280 -2.72 -21.05 2.94
C LEU A 280 -3.60 -21.59 1.81
N THR A 281 -3.31 -22.79 1.32
CA THR A 281 -3.98 -23.23 0.06
C THR A 281 -5.34 -23.92 0.29
N ASN A 282 -5.47 -24.60 1.42
CA ASN A 282 -6.67 -25.41 1.68
C ASN A 282 -7.61 -24.83 2.73
N PHE A 283 -7.23 -23.74 3.37
CA PHE A 283 -8.02 -23.16 4.40
C PHE A 283 -8.26 -21.68 4.12
N ILE A 284 -7.19 -20.89 4.06
CA ILE A 284 -7.31 -19.42 3.94
C ILE A 284 -7.90 -19.00 2.57
N ALA A 285 -7.51 -19.70 1.52
CA ALA A 285 -7.88 -19.35 0.15
C ALA A 285 -9.35 -19.66 -0.17
N ARG A 286 -10.05 -20.33 0.74
CA ARG A 286 -11.47 -20.72 0.55
C ARG A 286 -12.40 -19.51 0.49
N LYS A 287 -13.44 -19.57 -0.35
CA LYS A 287 -14.42 -18.49 -0.43
C LYS A 287 -14.95 -18.03 0.94
N GLU A 288 -15.37 -18.97 1.80
CA GLU A 288 -15.95 -18.64 3.12
C GLU A 288 -14.98 -17.86 4.00
N THR A 289 -13.74 -18.30 3.99
CA THR A 289 -12.66 -17.72 4.80
C THR A 289 -12.27 -16.34 4.28
N MET A 290 -12.14 -16.23 2.96
CA MET A 290 -11.84 -14.95 2.33
C MET A 290 -12.94 -13.92 2.62
N TYR A 291 -14.18 -14.38 2.66
CA TYR A 291 -15.28 -13.46 3.02
C TYR A 291 -15.20 -12.95 4.48
N LYS A 292 -14.84 -13.84 5.42
CA LYS A 292 -14.70 -13.47 6.82
C LYS A 292 -13.55 -12.46 6.97
N ILE A 293 -12.50 -12.67 6.20
CA ILE A 293 -11.38 -11.72 6.16
C ILE A 293 -11.86 -10.35 5.67
N TYR A 294 -12.63 -10.33 4.59
CA TYR A 294 -13.18 -9.06 4.12
C TYR A 294 -13.98 -8.31 5.18
N LEU A 295 -14.89 -9.02 5.85
CA LEU A 295 -15.71 -8.39 6.84
C LEU A 295 -14.85 -7.76 7.95
N ALA A 296 -13.75 -8.41 8.31
CA ALA A 296 -12.85 -7.90 9.33
C ALA A 296 -11.88 -6.83 8.86
N ASP A 297 -11.54 -6.88 7.57
CA ASP A 297 -10.51 -6.04 6.97
C ASP A 297 -10.95 -5.77 5.52
N PRO A 298 -11.90 -4.86 5.35
CA PRO A 298 -12.69 -4.70 4.11
C PRO A 298 -12.00 -4.09 2.87
N ARG A 299 -10.87 -4.63 2.49
CA ARG A 299 -10.17 -4.20 1.29
C ARG A 299 -10.79 -4.93 0.11
N LEU A 300 -10.41 -4.60 -1.11
CA LEU A 300 -11.06 -5.17 -2.30
C LEU A 300 -10.69 -6.65 -2.41
N PRO A 301 -11.67 -7.58 -2.28
CA PRO A 301 -11.24 -8.98 -2.30
C PRO A 301 -10.48 -9.38 -3.54
N ALA A 302 -9.52 -10.27 -3.35
CA ALA A 302 -8.74 -10.77 -4.46
C ALA A 302 -9.38 -12.02 -5.06
N ARG A 303 -10.31 -12.65 -4.34
CA ARG A 303 -11.13 -13.73 -4.90
C ARG A 303 -12.34 -13.10 -5.61
N LYS A 304 -12.51 -13.44 -6.86
CA LYS A 304 -13.58 -12.89 -7.67
C LYS A 304 -14.97 -13.19 -7.07
N ASP A 305 -15.17 -14.41 -6.60
CA ASP A 305 -16.49 -14.79 -6.07
C ASP A 305 -16.84 -14.15 -4.71
N VAL A 306 -15.81 -13.64 -4.02
CA VAL A 306 -16.02 -12.87 -2.83
C VAL A 306 -16.24 -11.40 -3.18
N LEU A 307 -15.50 -10.88 -4.14
CA LEU A 307 -15.75 -9.49 -4.57
C LEU A 307 -17.20 -9.37 -5.02
N GLU A 308 -17.69 -10.41 -5.67
CA GLU A 308 -19.08 -10.47 -6.16
C GLU A 308 -20.10 -10.20 -5.07
N LEU A 309 -19.84 -10.73 -3.86
CA LEU A 309 -20.74 -10.56 -2.72
C LEU A 309 -20.83 -9.11 -2.29
N VAL A 310 -19.76 -8.33 -2.47
CA VAL A 310 -19.68 -7.00 -1.91
C VAL A 310 -19.54 -5.88 -2.95
N LYS A 311 -19.78 -6.19 -4.22
CA LYS A 311 -19.48 -5.27 -5.31
C LYS A 311 -20.34 -4.01 -5.34
N ASP A 312 -21.47 -4.03 -4.65
CA ASP A 312 -22.38 -2.88 -4.52
C ASP A 312 -22.00 -1.95 -3.38
N ASN A 313 -21.15 -2.38 -2.47
CA ASN A 313 -20.75 -1.51 -1.38
C ASN A 313 -20.11 -0.22 -1.93
N PRO A 314 -20.59 0.97 -1.49
CA PRO A 314 -20.09 2.21 -2.08
C PRO A 314 -18.58 2.48 -1.87
N ASP A 315 -18.00 1.95 -0.79
CA ASP A 315 -16.55 2.08 -0.61
C ASP A 315 -15.81 1.21 -1.62
N VAL A 316 -16.27 -0.02 -1.80
CA VAL A 316 -15.68 -0.92 -2.80
C VAL A 316 -15.78 -0.22 -4.17
N VAL A 317 -16.94 0.35 -4.48
CA VAL A 317 -17.15 1.08 -5.76
C VAL A 317 -16.14 2.22 -5.93
N ALA A 318 -16.02 3.07 -4.92
CA ALA A 318 -15.21 4.27 -4.96
C ALA A 318 -13.73 3.93 -5.02
N PHE A 319 -13.31 2.95 -4.22
CA PHE A 319 -11.91 2.51 -4.24
C PHE A 319 -11.52 1.79 -5.53
N THR A 320 -12.45 1.04 -6.09
CA THR A 320 -12.25 0.31 -7.36
C THR A 320 -11.98 1.34 -8.47
N GLN A 321 -12.76 2.42 -8.47
CA GLN A 321 -12.56 3.52 -9.42
C GLN A 321 -11.19 4.22 -9.22
N SER A 322 -10.79 4.44 -7.97
CA SER A 322 -9.49 5.01 -7.70
C SER A 322 -8.44 4.03 -8.22
N ALA A 323 -8.56 2.74 -7.92
CA ALA A 323 -7.54 1.76 -8.33
C ALA A 323 -7.49 1.66 -9.87
N SER A 324 -8.64 1.85 -10.52
CA SER A 324 -8.78 1.65 -11.98
C SER A 324 -7.83 2.56 -12.75
N MET A 325 -7.54 3.72 -12.17
CA MET A 325 -6.68 4.75 -12.73
C MET A 325 -5.21 4.61 -12.25
N GLY A 326 -4.90 3.56 -11.47
CA GLY A 326 -3.61 3.44 -10.83
C GLY A 326 -2.72 2.43 -11.52
N THR A 327 -1.57 2.15 -10.92
CA THR A 327 -0.67 1.14 -11.48
C THR A 327 -0.01 0.27 -10.40
N PRO A 328 0.06 -1.06 -10.61
CA PRO A 328 0.64 -1.88 -9.56
C PRO A 328 2.07 -1.49 -9.20
N MET A 329 2.37 -1.49 -7.90
CA MET A 329 3.77 -1.32 -7.49
C MET A 329 4.61 -2.41 -8.16
N PRO A 330 5.81 -2.05 -8.61
CA PRO A 330 6.82 -3.05 -8.96
C PRO A 330 7.10 -4.03 -7.81
N ASN A 331 7.43 -5.25 -8.15
CA ASN A 331 7.80 -6.23 -7.15
C ASN A 331 9.21 -6.76 -7.35
N VAL A 332 9.97 -6.15 -8.24
CA VAL A 332 11.31 -6.64 -8.55
C VAL A 332 12.19 -6.32 -7.34
N PRO A 333 13.31 -7.08 -7.15
CA PRO A 333 14.21 -6.86 -6.01
C PRO A 333 14.67 -5.39 -5.90
N GLU A 334 14.80 -4.72 -7.05
CA GLU A 334 15.30 -3.36 -7.13
C GLU A 334 14.33 -2.27 -6.64
N MET A 335 13.12 -2.67 -6.27
CA MET A 335 12.19 -1.74 -5.65
C MET A 335 12.69 -1.38 -4.25
N ALA A 336 13.48 -2.27 -3.68
CA ALA A 336 13.94 -2.18 -2.26
C ALA A 336 14.43 -0.80 -1.83
N PRO A 337 15.38 -0.19 -2.57
CA PRO A 337 15.89 1.13 -2.21
C PRO A 337 15.04 2.35 -2.62
N VAL A 338 13.96 2.15 -3.38
CA VAL A 338 13.26 3.25 -3.99
C VAL A 338 12.54 4.12 -2.94
N TRP A 339 11.96 3.47 -1.94
CA TRP A 339 11.09 4.16 -1.01
C TRP A 339 11.88 5.17 -0.17
N SER A 340 13.01 4.73 0.38
CA SER A 340 13.84 5.62 1.20
C SER A 340 14.44 6.76 0.39
N ALA A 341 14.89 6.48 -0.84
CA ALA A 341 15.39 7.55 -1.71
C ALA A 341 14.34 8.58 -2.01
N MET A 342 13.14 8.16 -2.40
CA MET A 342 12.10 9.11 -2.74
C MET A 342 11.52 9.80 -1.49
N GLY A 343 11.50 9.11 -0.37
CA GLY A 343 11.10 9.71 0.90
C GLY A 343 12.05 10.83 1.31
N ASP A 344 13.35 10.53 1.26
CA ASP A 344 14.40 11.54 1.57
C ASP A 344 14.27 12.76 0.67
N ALA A 345 13.99 12.53 -0.62
CA ALA A 345 13.82 13.59 -1.60
C ALA A 345 12.60 14.45 -1.32
N LEU A 346 11.46 13.82 -0.99
CA LEU A 346 10.26 14.59 -0.67
C LEU A 346 10.46 15.41 0.61
N SER A 347 11.16 14.87 1.58
CA SER A 347 11.47 15.61 2.81
C SER A 347 12.32 16.86 2.50
N ILE A 348 13.39 16.66 1.75
CA ILE A 348 14.23 17.78 1.26
C ILE A 348 13.39 18.83 0.58
N ILE A 349 12.48 18.41 -0.32
CA ILE A 349 11.65 19.31 -1.13
C ILE A 349 10.63 20.11 -0.32
N ILE A 350 9.87 19.43 0.55
CA ILE A 350 8.86 20.11 1.35
C ILE A 350 9.48 21.04 2.40
N ASN A 351 10.74 20.82 2.75
CA ASN A 351 11.48 21.65 3.70
C ASN A 351 12.35 22.73 3.03
N GLY A 352 12.18 22.93 1.73
CA GLY A 352 12.96 23.92 0.99
C GLY A 352 14.48 23.78 1.07
N GLN A 353 14.98 22.56 1.13
CA GLN A 353 16.41 22.30 1.28
C GLN A 353 17.13 22.18 -0.06
N ALA A 354 16.35 21.95 -1.12
CA ALA A 354 16.82 21.94 -2.51
C ALA A 354 15.63 22.13 -3.47
N SER A 355 15.92 22.29 -4.76
CA SER A 355 14.86 22.44 -5.76
C SER A 355 14.24 21.07 -6.04
N VAL A 356 13.08 21.07 -6.69
CA VAL A 356 12.37 19.82 -7.04
C VAL A 356 13.27 19.00 -7.97
N GLU A 357 13.62 19.58 -9.12
CA GLU A 357 14.48 18.92 -10.11
C GLU A 357 15.79 18.37 -9.53
N ASP A 358 16.41 19.09 -8.59
CA ASP A 358 17.63 18.63 -7.95
C ASP A 358 17.42 17.48 -6.94
N ALA A 359 16.36 17.56 -6.15
CA ALA A 359 16.13 16.55 -5.11
C ALA A 359 15.81 15.21 -5.74
N LEU A 360 15.00 15.23 -6.78
CA LEU A 360 14.63 14.03 -7.51
C LEU A 360 15.80 13.47 -8.29
N LYS A 361 16.55 14.34 -8.96
CA LYS A 361 17.77 13.88 -9.65
C LYS A 361 18.67 13.17 -8.67
N GLU A 362 18.84 13.75 -7.50
CA GLU A 362 19.57 13.08 -6.44
C GLU A 362 18.96 11.72 -6.06
N ALA A 363 17.63 11.66 -5.98
CA ALA A 363 16.91 10.42 -5.63
C ALA A 363 17.23 9.29 -6.62
N VAL A 364 17.11 9.59 -7.91
CA VAL A 364 17.37 8.61 -8.98
C VAL A 364 18.84 8.15 -8.97
N GLU A 365 19.77 9.10 -8.87
CA GLU A 365 21.17 8.79 -8.66
C GLU A 365 21.36 7.82 -7.48
N LYS A 366 20.69 8.07 -6.35
CA LYS A 366 20.89 7.20 -5.19
C LYS A 366 20.30 5.79 -5.40
N ILE A 367 19.14 5.73 -6.05
CA ILE A 367 18.54 4.46 -6.39
C ILE A 367 19.49 3.65 -7.27
N LYS A 368 19.92 4.27 -8.37
CA LYS A 368 20.87 3.66 -9.30
C LYS A 368 22.13 3.17 -8.60
N ALA A 369 22.65 3.98 -7.68
CA ALA A 369 23.81 3.58 -6.91
C ALA A 369 23.53 2.36 -6.03
N GLN A 370 22.35 2.32 -5.40
CA GLN A 370 21.96 1.18 -4.58
C GLN A 370 21.77 -0.09 -5.42
N ILE A 371 21.15 0.06 -6.59
CA ILE A 371 20.98 -1.06 -7.53
C ILE A 371 22.32 -1.59 -8.01
N GLU A 372 23.16 -0.68 -8.50
CA GLU A 372 24.56 -1.01 -8.92
C GLU A 372 25.34 -1.75 -7.83
N LYS A 373 25.19 -1.39 -6.57
CA LYS A 373 25.94 -2.04 -5.48
C LYS A 373 25.25 -3.26 -4.87
N GLY A 374 24.10 -3.65 -5.42
CA GLY A 374 23.40 -4.84 -4.94
C GLY A 374 22.78 -4.71 -3.56
N SER A 375 22.21 -3.55 -3.24
CA SER A 375 21.66 -3.32 -1.90
C SER A 375 20.55 -4.31 -1.59
N HIS A 376 19.86 -4.76 -2.64
CA HIS A 376 18.80 -5.76 -2.52
C HIS A 376 19.28 -7.20 -2.27
N HIS A 377 20.60 -7.42 -2.25
CA HIS A 377 21.17 -8.75 -1.98
C HIS A 377 21.69 -8.85 -0.55
N HIS A 378 21.23 -9.86 0.16
CA HIS A 378 21.64 -10.08 1.55
C HIS A 378 22.35 -11.43 1.62
N HIS A 379 23.19 -11.61 2.64
CA HIS A 379 24.04 -12.81 2.71
C HIS A 379 24.07 -13.44 4.11
N HIS A 380 24.23 -14.77 4.11
CA HIS A 380 24.36 -15.66 5.27
C HIS A 380 23.67 -15.25 6.56
#